data_9J0J
#
_entry.id   9J0J
#
_cell.length_a   110.316
_cell.length_b   110.316
_cell.length_c   88.835
_cell.angle_alpha   90.000
_cell.angle_beta   90.000
_cell.angle_gamma   120.000
#
_symmetry.space_group_name_H-M   'P 32 2 1'
#
loop_
_entity.id
_entity.type
_entity.pdbx_description
1 polymer 'Fe/2OG-dependent oxygenase DfmD'
2 non-polymer 'FE (III) ION'
3 non-polymer 'ZINC ION'
4 non-polymer GLYCEROL
5 water water
#
_entity_poly.entity_id   1
_entity_poly.type   'polypeptide(L)'
_entity_poly.pdbx_seq_one_letter_code
;MGSHHHHHHHHGSDYDIPTTENLYFQGMAYLSIDWGSGETGRYHWIWLRDSCLCETCRNAFAKQKYFDSATLPLDIRPRS
VTRSAENGLEIVWEDGHESRYPDSWLREHSTPVKPSRPEQRWSPWSSAEVVADGTFAHADVMADNKALVGALEHLFRYGL
VVLRGTDAEDVDPDALCSRLAGFVDRSYFGEYFDLEVKPDNRTDSISFSTRQLPLHTDIPYYSTPPDYQFLFGLEVNDAA
TASQGGRTRFVDGVAAALSLKERDPEAFAVLTSTEVIYRAEYGDAEKIYHHQTPVIHLNNDGEVVRLVNNPTKMFFDNVP
FDEVTGVYRAYSAFKALMDEEGRAYHHSWRQGDMIIFDNRRIFHGREQFDQTGMRRKLRGGYFSEVELRARSRFADETV
;
_entity_poly.pdbx_strand_id   A
#
loop_
_chem_comp.id
_chem_comp.type
_chem_comp.name
_chem_comp.formula
FE non-polymer 'FE (III) ION' 'Fe 3'
GOL non-polymer GLYCEROL 'C3 H8 O3'
ZN non-polymer 'ZINC ION' 'Zn 2'
#
# COMPACT_ATOMS: atom_id res chain seq x y z
N TYR A 24 -15.75 -38.57 -19.69
CA TYR A 24 -15.46 -37.92 -20.96
C TYR A 24 -15.97 -38.68 -22.18
N PHE A 25 -16.84 -38.04 -22.96
CA PHE A 25 -17.17 -38.45 -24.32
C PHE A 25 -16.42 -37.52 -25.29
N GLN A 26 -16.12 -38.02 -26.50
CA GLN A 26 -15.34 -37.25 -27.46
C GLN A 26 -16.10 -35.99 -27.87
N GLY A 27 -15.45 -34.83 -27.74
CA GLY A 27 -16.03 -33.56 -28.11
C GLY A 27 -16.69 -32.82 -26.97
N MET A 28 -16.71 -33.39 -25.76
CA MET A 28 -17.15 -32.64 -24.59
C MET A 28 -16.38 -31.34 -24.52
N ALA A 29 -17.09 -30.22 -24.60
CA ALA A 29 -16.44 -28.93 -24.79
C ALA A 29 -15.66 -28.48 -23.57
N TYR A 30 -16.17 -28.73 -22.36
CA TYR A 30 -15.49 -28.35 -21.14
C TYR A 30 -16.07 -29.14 -19.99
N LEU A 31 -15.48 -28.96 -18.81
CA LEU A 31 -15.93 -29.63 -17.60
C LEU A 31 -17.01 -28.78 -16.96
N SER A 32 -18.12 -29.40 -16.58
CA SER A 32 -19.18 -28.68 -15.89
C SER A 32 -19.70 -29.60 -14.80
N ILE A 33 -19.58 -29.14 -13.55
CA ILE A 33 -19.91 -29.95 -12.39
C ILE A 33 -21.10 -29.32 -11.68
N ASP A 34 -22.06 -30.15 -11.29
CA ASP A 34 -23.20 -29.73 -10.49
C ASP A 34 -22.89 -30.06 -9.03
N TRP A 35 -22.69 -29.03 -8.23
CA TRP A 35 -22.36 -29.20 -6.82
C TRP A 35 -23.60 -29.31 -5.95
N GLY A 36 -24.76 -29.38 -6.58
CA GLY A 36 -26.02 -29.37 -5.87
C GLY A 36 -26.53 -27.97 -5.65
N SER A 37 -27.85 -27.87 -5.40
CA SER A 37 -28.50 -26.61 -5.04
C SER A 37 -28.18 -25.50 -6.06
N GLY A 38 -28.13 -25.87 -7.33
CA GLY A 38 -27.90 -24.88 -8.38
C GLY A 38 -26.52 -24.25 -8.43
N GLU A 39 -25.55 -24.69 -7.62
CA GLU A 39 -24.18 -24.25 -7.80
C GLU A 39 -23.54 -25.08 -8.92
N THR A 40 -23.11 -24.42 -10.00
CA THR A 40 -22.51 -25.08 -11.15
C THR A 40 -21.13 -24.50 -11.44
N GLY A 41 -20.12 -25.34 -11.43
CA GLY A 41 -18.78 -24.96 -11.86
C GLY A 41 -18.57 -25.29 -13.33
N ARG A 42 -17.79 -24.45 -14.00
CA ARG A 42 -17.41 -24.67 -15.38
C ARG A 42 -15.91 -24.43 -15.49
N TYR A 43 -15.23 -25.32 -16.19
CA TYR A 43 -13.77 -25.33 -16.24
C TYR A 43 -13.33 -25.68 -17.65
N HIS A 44 -12.56 -24.81 -18.29
CA HIS A 44 -12.00 -25.12 -19.60
C HIS A 44 -10.86 -26.14 -19.51
N TRP A 45 -10.75 -26.97 -20.56
CA TRP A 45 -9.65 -27.96 -20.58
C TRP A 45 -8.28 -27.29 -20.54
N ILE A 46 -8.11 -26.19 -21.28
CA ILE A 46 -6.81 -25.53 -21.35
C ILE A 46 -6.34 -25.13 -19.97
N TRP A 47 -7.25 -24.63 -19.14
CA TRP A 47 -6.91 -24.16 -17.81
C TRP A 47 -6.72 -25.34 -16.86
N LEU A 48 -7.54 -26.38 -17.02
CA LEU A 48 -7.30 -27.60 -16.24
C LEU A 48 -5.91 -28.15 -16.52
N ARG A 49 -5.51 -28.19 -17.79
CA ARG A 49 -4.17 -28.65 -18.11
C ARG A 49 -3.13 -27.74 -17.45
N ASP A 50 -3.29 -26.42 -17.63
CA ASP A 50 -2.36 -25.45 -17.07
C ASP A 50 -2.24 -25.56 -15.56
N SER A 51 -3.28 -26.07 -14.89
CA SER A 51 -3.38 -26.10 -13.45
C SER A 51 -2.93 -27.41 -12.84
N CYS A 52 -2.27 -28.27 -13.62
CA CYS A 52 -2.03 -29.64 -13.17
C CYS A 52 -1.17 -29.63 -11.93
N LEU A 53 -1.58 -30.43 -10.95
CA LEU A 53 -0.91 -30.46 -9.65
C LEU A 53 0.29 -31.39 -9.60
N CYS A 54 0.49 -32.25 -10.60
CA CYS A 54 1.47 -33.31 -10.52
C CYS A 54 2.89 -32.75 -10.44
N GLU A 55 3.82 -33.62 -10.02
CA GLU A 55 5.17 -33.19 -9.67
C GLU A 55 6.03 -32.85 -10.88
N THR A 56 5.64 -33.30 -12.08
CA THR A 56 6.32 -32.87 -13.29
C THR A 56 5.83 -31.52 -13.79
N CYS A 57 4.71 -31.02 -13.26
CA CYS A 57 4.15 -29.76 -13.70
C CYS A 57 4.39 -28.61 -12.74
N ARG A 58 4.30 -28.85 -11.43
CA ARG A 58 4.52 -27.79 -10.45
C ARG A 58 5.23 -28.37 -9.24
N ASN A 59 6.00 -27.51 -8.58
CA ASN A 59 6.65 -27.84 -7.32
C ASN A 59 5.67 -27.58 -6.18
N ALA A 60 5.29 -28.63 -5.46
CA ALA A 60 4.36 -28.46 -4.35
C ALA A 60 4.94 -27.57 -3.26
N PHE A 61 6.27 -27.61 -3.08
CA PHE A 61 6.89 -26.81 -2.03
C PHE A 61 6.83 -25.33 -2.36
N ALA A 62 7.47 -24.92 -3.47
CA ALA A 62 7.51 -23.52 -3.87
C ALA A 62 6.20 -23.04 -4.52
N LYS A 63 5.20 -23.90 -4.65
CA LYS A 63 3.98 -23.64 -5.41
C LYS A 63 4.28 -22.92 -6.72
N GLN A 64 5.34 -23.33 -7.41
CA GLN A 64 5.78 -22.69 -8.64
C GLN A 64 5.67 -23.67 -9.80
N LYS A 65 5.45 -23.13 -11.01
CA LYS A 65 5.27 -23.93 -12.20
C LYS A 65 6.60 -24.21 -12.91
N TYR A 66 6.67 -25.35 -13.60
CA TYR A 66 7.87 -25.75 -14.33
C TYR A 66 7.79 -25.46 -15.81
N PHE A 67 6.62 -25.13 -16.33
CA PHE A 67 6.48 -24.84 -17.75
C PHE A 67 5.90 -23.44 -17.96
N ASP A 68 6.05 -22.95 -19.18
CA ASP A 68 5.35 -21.76 -19.60
C ASP A 68 4.00 -22.16 -20.17
N SER A 69 2.92 -21.60 -19.62
CA SER A 69 1.59 -21.84 -20.18
C SER A 69 1.57 -21.68 -21.70
N ALA A 70 2.40 -20.77 -22.22
CA ALA A 70 2.41 -20.45 -23.64
C ALA A 70 2.69 -21.65 -24.54
N THR A 71 3.27 -22.73 -24.00
CA THR A 71 3.57 -23.88 -24.83
C THR A 71 2.40 -24.85 -24.93
N LEU A 72 1.48 -24.80 -24.00
CA LEU A 72 0.37 -25.74 -23.97
C LEU A 72 -0.35 -25.75 -25.32
N PRO A 73 -0.63 -26.94 -25.88
CA PRO A 73 -1.45 -26.99 -27.11
C PRO A 73 -2.84 -26.44 -26.83
N LEU A 74 -3.20 -25.39 -27.54
CA LEU A 74 -4.47 -24.71 -27.29
C LEU A 74 -5.67 -25.65 -27.42
N ASP A 75 -5.67 -26.52 -28.43
CA ASP A 75 -6.81 -27.41 -28.64
C ASP A 75 -6.75 -28.67 -27.77
N ILE A 76 -5.94 -28.68 -26.71
CA ILE A 76 -5.81 -29.87 -25.86
C ILE A 76 -7.18 -30.30 -25.35
N ARG A 77 -7.50 -31.58 -25.54
CA ARG A 77 -8.69 -32.23 -25.02
C ARG A 77 -8.25 -33.40 -24.14
N PRO A 78 -9.12 -33.88 -23.26
CA PRO A 78 -8.75 -35.10 -22.52
C PRO A 78 -9.19 -36.34 -23.28
N ARG A 79 -8.55 -37.45 -22.95
CA ARG A 79 -9.00 -38.74 -23.46
C ARG A 79 -9.99 -39.41 -22.50
N SER A 80 -9.77 -39.22 -21.20
CA SER A 80 -10.55 -39.86 -20.15
C SER A 80 -10.82 -38.85 -19.05
N VAL A 81 -12.07 -38.80 -18.55
CA VAL A 81 -12.41 -38.02 -17.36
C VAL A 81 -13.22 -38.93 -16.44
N THR A 82 -12.66 -39.20 -15.27
CA THR A 82 -13.26 -40.09 -14.31
C THR A 82 -13.27 -39.39 -12.96
N ARG A 83 -14.40 -39.43 -12.27
CA ARG A 83 -14.51 -38.85 -10.93
C ARG A 83 -14.87 -39.96 -9.95
N SER A 84 -14.02 -40.17 -8.96
CA SER A 84 -14.33 -41.02 -7.83
C SER A 84 -14.59 -40.15 -6.61
N ALA A 85 -15.58 -40.55 -5.80
CA ALA A 85 -15.68 -39.96 -4.47
C ALA A 85 -14.46 -40.28 -3.62
N GLU A 86 -13.66 -41.27 -4.03
CA GLU A 86 -12.45 -41.64 -3.31
C GLU A 86 -11.32 -40.65 -3.56
N ASN A 87 -10.86 -40.55 -4.80
CA ASN A 87 -9.69 -39.74 -5.13
C ASN A 87 -10.01 -38.63 -6.13
N GLY A 88 -11.22 -38.08 -6.05
CA GLY A 88 -11.54 -36.86 -6.78
C GLY A 88 -11.57 -37.07 -8.28
N LEU A 89 -11.18 -36.02 -8.99
CA LEU A 89 -11.30 -36.01 -10.45
C LEU A 89 -9.98 -36.41 -11.10
N GLU A 90 -10.03 -37.42 -11.96
CA GLU A 90 -8.85 -37.92 -12.65
C GLU A 90 -9.03 -37.75 -14.14
N ILE A 91 -8.06 -37.12 -14.78
CA ILE A 91 -8.10 -36.82 -16.21
C ILE A 91 -6.87 -37.43 -16.86
N VAL A 92 -7.07 -38.11 -17.99
CA VAL A 92 -5.97 -38.50 -18.88
C VAL A 92 -6.08 -37.66 -20.13
N TRP A 93 -5.04 -36.88 -20.42
CA TRP A 93 -5.12 -36.01 -21.57
C TRP A 93 -4.78 -36.79 -22.83
N GLU A 94 -5.25 -36.27 -23.96
CA GLU A 94 -4.91 -36.81 -25.27
C GLU A 94 -3.46 -37.26 -25.37
N ASP A 95 -2.52 -36.45 -24.91
CA ASP A 95 -1.12 -36.81 -25.03
C ASP A 95 -0.68 -37.80 -23.98
N GLY A 96 -1.60 -38.40 -23.24
CA GLY A 96 -1.26 -39.39 -22.28
C GLY A 96 -0.99 -38.90 -20.87
N HIS A 97 -0.80 -37.58 -20.68
CA HIS A 97 -0.55 -36.99 -19.36
C HIS A 97 -1.71 -37.28 -18.40
N GLU A 98 -1.38 -37.39 -17.11
CA GLU A 98 -2.35 -37.75 -16.11
C GLU A 98 -2.40 -36.72 -14.99
N SER A 99 -3.60 -36.25 -14.69
CA SER A 99 -3.81 -35.21 -13.70
C SER A 99 -4.91 -35.64 -12.74
N ARG A 100 -4.75 -35.29 -11.47
CA ARG A 100 -5.75 -35.58 -10.47
C ARG A 100 -6.14 -34.28 -9.78
N TYR A 101 -7.44 -34.04 -9.67
CA TYR A 101 -7.95 -32.81 -9.07
C TYR A 101 -8.88 -33.14 -7.90
N PRO A 102 -8.53 -32.78 -6.66
CA PRO A 102 -9.44 -33.01 -5.54
C PRO A 102 -10.67 -32.13 -5.63
N ASP A 103 -11.85 -32.69 -5.34
CA ASP A 103 -13.07 -31.88 -5.34
C ASP A 103 -12.94 -30.67 -4.42
N SER A 104 -12.26 -30.82 -3.30
CA SER A 104 -11.93 -29.70 -2.43
C SER A 104 -11.02 -28.67 -3.09
N TRP A 105 -10.80 -28.80 -4.39
CA TRP A 105 -10.02 -27.85 -5.19
C TRP A 105 -10.84 -27.29 -6.34
N LEU A 106 -11.62 -28.18 -6.98
CA LEU A 106 -12.53 -27.75 -8.03
C LEU A 106 -13.62 -26.83 -7.50
N ARG A 107 -14.08 -27.06 -6.27
CA ARG A 107 -15.17 -26.25 -5.72
C ARG A 107 -14.70 -24.84 -5.39
N GLU A 108 -13.44 -24.67 -5.00
CA GLU A 108 -12.89 -23.35 -4.74
C GLU A 108 -12.84 -22.50 -6.00
N HIS A 109 -12.80 -23.14 -7.17
CA HIS A 109 -12.71 -22.45 -8.44
C HIS A 109 -14.03 -22.39 -9.19
N SER A 110 -15.09 -22.99 -8.66
CA SER A 110 -16.38 -22.87 -9.34
C SER A 110 -16.87 -21.42 -9.32
N THR A 111 -16.39 -20.62 -8.39
CA THR A 111 -16.52 -19.17 -8.46
C THR A 111 -15.74 -18.62 -9.67
N ARG A 121 -10.57 2.40 -2.15
CA ARG A 121 -9.33 2.20 -1.41
C ARG A 121 -9.10 3.34 -0.38
N TRP A 122 -8.62 4.51 -0.79
CA TRP A 122 -8.46 5.60 0.17
C TRP A 122 -9.79 6.15 0.65
N SER A 123 -9.83 6.49 1.95
CA SER A 123 -10.98 7.18 2.55
C SER A 123 -10.48 8.51 3.12
N PRO A 124 -11.03 9.63 2.68
CA PRO A 124 -10.60 10.93 3.21
C PRO A 124 -11.07 11.12 4.63
N TRP A 125 -10.33 11.95 5.38
CA TRP A 125 -10.77 12.40 6.69
C TRP A 125 -10.48 13.88 6.82
N SER A 126 -11.55 14.69 6.88
CA SER A 126 -11.43 16.13 7.09
C SER A 126 -11.14 16.51 8.54
N SER A 127 -11.10 15.57 9.48
CA SER A 127 -10.79 15.88 10.88
C SER A 127 -10.44 14.59 11.61
N ALA A 128 -9.80 14.76 12.77
CA ALA A 128 -9.06 13.68 13.45
C ALA A 128 -9.94 12.69 14.22
N GLU A 129 -11.20 12.52 13.82
CA GLU A 129 -12.08 11.64 14.57
C GLU A 129 -11.73 10.17 14.36
N VAL A 130 -11.32 9.82 13.14
CA VAL A 130 -11.02 8.43 12.79
C VAL A 130 -9.70 7.92 13.36
N VAL A 131 -8.95 8.77 14.08
CA VAL A 131 -7.66 8.35 14.63
C VAL A 131 -7.80 7.70 16.00
N ALA A 132 -8.91 7.91 16.70
CA ALA A 132 -9.22 7.08 17.85
C ALA A 132 -9.33 5.62 17.44
N ASP A 133 -10.12 5.34 16.40
CA ASP A 133 -10.25 3.98 15.88
C ASP A 133 -8.93 3.41 15.36
N GLY A 134 -7.93 4.25 15.13
CA GLY A 134 -6.68 3.76 14.58
C GLY A 134 -5.53 3.81 15.56
N THR A 135 -5.81 3.61 16.84
CA THR A 135 -4.74 3.42 17.83
C THR A 135 -4.78 1.99 18.31
N PHE A 136 -3.67 1.30 18.17
CA PHE A 136 -3.55 -0.12 18.47
C PHE A 136 -2.46 -0.28 19.48
N ALA A 137 -2.52 -1.41 20.20
CA ALA A 137 -1.57 -1.70 21.25
C ALA A 137 -0.41 -2.51 20.67
N HIS A 138 0.80 -2.00 20.86
CA HIS A 138 2.02 -2.70 20.44
C HIS A 138 1.93 -4.20 20.69
N ALA A 139 1.56 -4.60 21.91
CA ALA A 139 1.49 -6.01 22.24
C ALA A 139 0.55 -6.76 21.32
N ASP A 140 -0.62 -6.20 21.02
CA ASP A 140 -1.59 -6.92 20.19
C ASP A 140 -1.04 -7.20 18.78
N VAL A 141 -0.51 -6.17 18.12
CA VAL A 141 -0.09 -6.41 16.74
C VAL A 141 1.19 -7.25 16.72
N MET A 142 2.00 -7.15 17.77
CA MET A 142 3.19 -8.00 17.87
C MET A 142 2.80 -9.46 18.02
N ALA A 143 1.74 -9.73 18.77
CA ALA A 143 1.37 -11.10 19.11
C ALA A 143 0.36 -11.69 18.14
N ASP A 144 -0.74 -10.99 17.87
CA ASP A 144 -1.90 -11.55 17.19
C ASP A 144 -1.94 -11.11 15.72
N ASN A 145 -2.05 -12.09 14.82
CA ASN A 145 -2.11 -11.78 13.40
C ASN A 145 -3.35 -10.97 13.06
N LYS A 146 -4.49 -11.27 13.69
CA LYS A 146 -5.69 -10.50 13.42
C LYS A 146 -5.50 -9.02 13.78
N ALA A 147 -4.61 -8.70 14.72
CA ALA A 147 -4.42 -7.30 15.10
C ALA A 147 -3.47 -6.60 14.16
N LEU A 148 -2.42 -7.32 13.73
CA LEU A 148 -1.56 -6.81 12.68
C LEU A 148 -2.37 -6.55 11.42
N VAL A 149 -3.10 -7.56 10.95
CA VAL A 149 -3.96 -7.37 9.80
C VAL A 149 -4.86 -6.18 10.00
N GLY A 150 -5.43 -6.04 11.19
CA GLY A 150 -6.39 -4.97 11.42
C GLY A 150 -5.72 -3.61 11.41
N ALA A 151 -4.54 -3.51 12.01
CA ALA A 151 -3.84 -2.24 12.02
C ALA A 151 -3.33 -1.87 10.63
N LEU A 152 -2.77 -2.83 9.90
CA LEU A 152 -2.33 -2.55 8.53
C LEU A 152 -3.49 -2.14 7.64
N GLU A 153 -4.67 -2.77 7.83
CA GLU A 153 -5.80 -2.41 6.99
C GLU A 153 -6.32 -1.03 7.33
N HIS A 154 -6.27 -0.63 8.60
CA HIS A 154 -6.62 0.75 8.91
C HIS A 154 -5.63 1.70 8.25
N LEU A 155 -4.35 1.31 8.21
CA LEU A 155 -3.33 2.18 7.60
C LEU A 155 -3.59 2.35 6.11
N PHE A 156 -3.93 1.27 5.41
CA PHE A 156 -4.11 1.34 3.96
C PHE A 156 -5.28 2.26 3.61
N ARG A 157 -6.33 2.22 4.42
CA ARG A 157 -7.59 2.90 4.12
C ARG A 157 -7.55 4.36 4.52
N TYR A 158 -7.00 4.68 5.69
CA TYR A 158 -7.05 6.03 6.22
C TYR A 158 -5.72 6.75 6.19
N GLY A 159 -4.61 6.02 6.08
CA GLY A 159 -3.32 6.66 5.88
C GLY A 159 -2.57 7.03 7.14
N LEU A 160 -3.07 6.66 8.31
CA LEU A 160 -2.34 6.86 9.55
C LEU A 160 -2.78 5.80 10.55
N VAL A 161 -1.82 5.25 11.31
CA VAL A 161 -2.14 4.48 12.52
C VAL A 161 -1.13 4.84 13.61
N VAL A 162 -1.58 4.63 14.84
CA VAL A 162 -0.75 4.83 16.03
C VAL A 162 -0.65 3.49 16.75
N LEU A 163 0.58 3.06 17.01
CA LEU A 163 0.85 1.85 17.76
C LEU A 163 1.48 2.26 19.08
N ARG A 164 0.79 1.96 20.17
CA ARG A 164 1.12 2.45 21.51
C ARG A 164 1.56 1.30 22.40
N GLY A 165 2.67 1.51 23.13
CA GLY A 165 3.14 0.56 24.11
C GLY A 165 2.69 0.86 25.52
N THR A 166 3.17 0.06 26.47
CA THR A 166 2.95 0.27 27.89
C THR A 166 4.26 0.65 28.57
N ASP A 167 4.19 0.87 29.88
CA ASP A 167 5.38 1.11 30.69
C ASP A 167 6.13 -0.17 30.98
N ALA A 168 5.40 -1.24 31.33
CA ALA A 168 5.99 -2.57 31.45
C ALA A 168 6.70 -2.96 30.16
N GLU A 169 6.19 -2.50 29.02
CA GLU A 169 6.84 -2.78 27.75
C GLU A 169 8.11 -1.96 27.60
N ASP A 170 9.06 -2.54 26.88
CA ASP A 170 10.19 -1.81 26.30
C ASP A 170 10.15 -2.14 24.82
N VAL A 171 9.58 -1.24 24.01
CA VAL A 171 9.24 -1.53 22.63
C VAL A 171 10.51 -1.47 21.77
N ASP A 172 10.76 -2.53 21.00
CA ASP A 172 11.94 -2.59 20.14
C ASP A 172 11.58 -2.12 18.74
N PRO A 173 12.20 -1.05 18.23
CA PRO A 173 11.79 -0.54 16.90
C PRO A 173 12.12 -1.49 15.76
N ASP A 174 13.30 -2.12 15.77
CA ASP A 174 13.65 -3.06 14.72
C ASP A 174 12.69 -4.23 14.68
N ALA A 175 12.29 -4.71 15.86
CA ALA A 175 11.34 -5.81 15.90
C ALA A 175 9.96 -5.38 15.41
N LEU A 176 9.58 -4.12 15.65
CA LEU A 176 8.27 -3.64 15.22
C LEU A 176 8.24 -3.46 13.70
N CYS A 177 9.32 -2.90 13.14
CA CYS A 177 9.46 -2.86 11.69
C CYS A 177 9.39 -4.27 11.10
N SER A 178 10.15 -5.21 11.68
CA SER A 178 10.10 -6.57 11.15
C SER A 178 8.69 -7.14 11.21
N ARG A 179 7.97 -6.92 12.32
CA ARG A 179 6.61 -7.42 12.39
C ARG A 179 5.75 -6.77 11.30
N LEU A 180 5.93 -5.48 11.04
CA LEU A 180 5.05 -4.79 10.10
C LEU A 180 5.35 -5.11 8.65
N ALA A 181 6.63 -5.17 8.26
CA ALA A 181 6.98 -5.21 6.84
C ALA A 181 8.12 -6.16 6.48
N GLY A 182 8.67 -6.91 7.44
CA GLY A 182 9.89 -7.65 7.18
C GLY A 182 11.12 -6.76 7.16
N PHE A 183 11.09 -5.65 6.41
CA PHE A 183 12.26 -4.78 6.34
C PHE A 183 11.83 -3.39 5.87
N VAL A 184 12.67 -2.39 6.15
CA VAL A 184 12.32 -1.02 5.80
C VAL A 184 12.88 -0.67 4.43
N ASP A 185 12.50 0.50 3.91
CA ASP A 185 12.92 0.97 2.60
C ASP A 185 14.21 1.76 2.72
N ARG A 186 15.33 1.12 2.41
CA ARG A 186 16.60 1.85 2.32
C ARG A 186 16.45 3.06 1.40
N SER A 187 16.97 4.21 1.83
CA SER A 187 16.88 5.41 0.99
C SER A 187 18.23 6.11 1.01
N TYR A 188 18.26 7.28 0.38
CA TYR A 188 19.46 8.13 0.41
C TYR A 188 19.99 8.24 1.84
N PHE A 189 19.09 8.44 2.79
CA PHE A 189 19.46 8.58 4.20
C PHE A 189 20.11 7.32 4.75
N GLY A 190 19.60 6.15 4.36
CA GLY A 190 20.01 4.90 4.95
C GLY A 190 18.78 4.09 5.27
N GLU A 191 18.80 3.33 6.34
CA GLU A 191 17.60 2.59 6.72
C GLU A 191 16.72 3.40 7.64
N TYR A 192 17.30 4.31 8.42
CA TYR A 192 16.53 5.14 9.31
C TYR A 192 17.28 6.44 9.52
N PHE A 193 16.57 7.41 10.09
CA PHE A 193 17.12 8.72 10.38
C PHE A 193 16.58 9.16 11.74
N ASP A 194 17.37 9.99 12.42
CA ASP A 194 17.04 10.47 13.76
C ASP A 194 16.78 11.97 13.75
N LEU A 195 15.70 12.37 14.42
CA LEU A 195 15.41 13.78 14.69
C LEU A 195 15.52 14.01 16.19
N GLU A 196 16.34 14.97 16.57
CA GLU A 196 16.42 15.43 17.95
C GLU A 196 15.90 16.86 18.01
N VAL A 197 15.07 17.15 19.01
CA VAL A 197 14.50 18.49 19.18
C VAL A 197 14.69 18.98 20.61
N LEU A 213 6.21 25.81 11.64
CA LEU A 213 6.82 24.70 10.90
C LEU A 213 5.87 24.17 9.83
N PRO A 214 6.16 24.49 8.57
CA PRO A 214 5.24 24.18 7.47
C PRO A 214 4.92 22.70 7.39
N LEU A 215 3.70 22.41 6.95
CA LEU A 215 3.26 21.06 6.70
C LEU A 215 3.86 20.55 5.38
N HIS A 216 4.31 19.30 5.39
CA HIS A 216 4.98 18.73 4.23
C HIS A 216 4.74 17.23 4.16
N THR A 217 4.97 16.69 2.98
CA THR A 217 5.25 15.29 2.75
C THR A 217 6.75 15.17 2.53
N ASP A 218 7.29 13.97 2.67
CA ASP A 218 8.73 13.80 2.70
C ASP A 218 9.28 13.27 1.38
N ILE A 219 10.49 13.71 1.06
CA ILE A 219 11.22 13.34 -0.15
C ILE A 219 10.41 13.62 -1.41
N PRO A 220 9.93 14.84 -1.62
CA PRO A 220 9.17 15.12 -2.84
C PRO A 220 10.02 15.07 -4.09
N TYR A 221 11.34 15.15 -3.94
CA TYR A 221 12.26 15.14 -5.06
C TYR A 221 12.55 13.74 -5.59
N TYR A 222 11.98 12.70 -5.00
CA TYR A 222 12.00 11.37 -5.60
C TYR A 222 10.89 11.29 -6.62
N SER A 223 11.23 10.93 -7.86
CA SER A 223 10.18 10.72 -8.88
C SER A 223 9.10 9.76 -8.39
N THR A 224 9.47 8.75 -7.60
CA THR A 224 8.46 8.03 -6.83
C THR A 224 8.84 8.05 -5.36
N PRO A 225 8.21 8.90 -4.56
CA PRO A 225 8.57 9.02 -3.14
C PRO A 225 8.19 7.75 -2.40
N PRO A 226 8.74 7.56 -1.20
CA PRO A 226 8.41 6.35 -0.41
C PRO A 226 6.92 6.31 -0.10
N ASP A 227 6.35 5.11 -0.07
CA ASP A 227 4.92 5.03 0.14
C ASP A 227 4.54 5.49 1.53
N TYR A 228 5.15 4.89 2.56
CA TYR A 228 4.77 5.11 3.95
C TYR A 228 5.99 5.57 4.73
N GLN A 229 5.77 6.45 5.71
CA GLN A 229 6.81 6.87 6.64
C GLN A 229 6.43 6.42 8.05
N PHE A 230 7.44 6.22 8.90
CA PHE A 230 7.19 5.95 10.32
C PHE A 230 8.02 6.88 11.19
N LEU A 231 7.42 7.35 12.27
CA LEU A 231 8.13 8.07 13.30
C LEU A 231 8.00 7.29 14.61
N PHE A 232 9.13 7.03 15.25
CA PHE A 232 9.21 6.25 16.48
C PHE A 232 9.71 7.13 17.62
N GLY A 233 9.05 7.02 18.79
CA GLY A 233 9.47 7.75 19.96
C GLY A 233 10.67 7.11 20.61
N LEU A 234 11.87 7.47 20.15
CA LEU A 234 13.08 6.82 20.64
C LEU A 234 13.39 7.25 22.07
N GLU A 235 13.38 8.57 22.31
CA GLU A 235 13.63 9.15 23.63
C GLU A 235 12.61 10.26 23.85
N VAL A 236 11.69 10.07 24.80
CA VAL A 236 10.63 11.02 25.10
C VAL A 236 10.66 11.35 26.60
N ASN A 237 10.32 12.59 26.94
CA ASN A 237 10.28 13.07 28.30
C ASN A 237 8.89 12.95 28.91
N ASP A 238 8.82 13.22 30.21
CA ASP A 238 7.56 13.12 30.95
C ASP A 238 6.87 14.49 30.99
N GLY A 246 6.72 19.44 20.61
CA GLY A 246 5.63 20.26 21.05
C GLY A 246 4.37 19.79 20.36
N ARG A 247 4.45 18.54 19.89
CA ARG A 247 3.41 17.77 19.19
C ARG A 247 3.63 17.80 17.68
N THR A 248 3.28 16.70 17.02
CA THR A 248 3.39 16.59 15.57
C THR A 248 1.99 16.53 14.99
N ARG A 249 1.72 17.36 13.98
CA ARG A 249 0.39 17.43 13.37
C ARG A 249 0.29 16.48 12.19
N PHE A 250 -0.93 16.13 11.83
CA PHE A 250 -1.12 15.21 10.72
C PHE A 250 -2.40 15.61 10.00
N VAL A 251 -2.29 15.97 8.72
CA VAL A 251 -3.46 16.38 7.95
C VAL A 251 -3.55 15.53 6.71
N ASP A 252 -4.76 15.06 6.41
CA ASP A 252 -5.03 14.28 5.22
C ASP A 252 -5.09 15.23 4.02
N GLY A 253 -4.04 15.21 3.19
CA GLY A 253 -4.07 15.98 1.96
C GLY A 253 -5.22 15.64 1.04
N VAL A 254 -5.69 14.38 1.06
CA VAL A 254 -6.78 14.00 0.17
C VAL A 254 -8.06 14.74 0.55
N ALA A 255 -8.44 14.69 1.82
CA ALA A 255 -9.53 15.53 2.31
C ALA A 255 -9.31 17.00 1.99
N ALA A 256 -8.10 17.51 2.27
CA ALA A 256 -7.81 18.92 2.03
C ALA A 256 -7.94 19.28 0.54
N ALA A 257 -7.53 18.36 -0.34
CA ALA A 257 -7.57 18.67 -1.76
C ALA A 257 -9.01 18.65 -2.28
N LEU A 258 -9.84 17.74 -1.76
CA LEU A 258 -11.26 17.71 -2.11
C LEU A 258 -11.99 18.90 -1.50
N SER A 259 -11.60 19.29 -0.28
CA SER A 259 -12.09 20.54 0.28
C SER A 259 -11.78 21.70 -0.67
N LEU A 260 -10.52 21.81 -1.10
CA LEU A 260 -10.11 22.88 -1.99
C LEU A 260 -10.88 22.84 -3.30
N LYS A 261 -11.20 21.65 -3.81
CA LYS A 261 -11.97 21.54 -5.04
C LYS A 261 -13.27 22.32 -4.94
N GLU A 262 -13.87 22.36 -3.74
CA GLU A 262 -15.15 23.03 -3.62
C GLU A 262 -14.98 24.52 -3.32
N ARG A 263 -14.24 24.86 -2.27
CA ARG A 263 -14.04 26.26 -1.92
C ARG A 263 -13.44 27.09 -3.04
N ASP A 264 -12.76 26.47 -4.02
CA ASP A 264 -11.86 27.23 -4.88
C ASP A 264 -11.48 26.40 -6.10
N PRO A 265 -12.44 25.98 -6.95
CA PRO A 265 -12.11 25.04 -8.03
C PRO A 265 -10.98 25.53 -8.93
N GLU A 266 -10.76 26.85 -8.93
CA GLU A 266 -9.67 27.42 -9.73
C GLU A 266 -8.33 26.92 -9.22
N ALA A 267 -8.06 27.12 -7.92
CA ALA A 267 -6.82 26.65 -7.33
C ALA A 267 -6.68 25.14 -7.45
N PHE A 268 -7.79 24.41 -7.43
CA PHE A 268 -7.71 22.96 -7.63
C PHE A 268 -7.18 22.66 -9.02
N ALA A 269 -7.81 23.24 -10.05
CA ALA A 269 -7.38 22.97 -11.41
C ALA A 269 -5.94 23.38 -11.62
N VAL A 270 -5.55 24.53 -11.07
CA VAL A 270 -4.18 25.00 -11.21
C VAL A 270 -3.21 24.00 -10.59
N LEU A 271 -3.47 23.60 -9.34
CA LEU A 271 -2.57 22.70 -8.62
C LEU A 271 -2.51 21.30 -9.23
N THR A 272 -3.60 20.82 -9.80
CA THR A 272 -3.58 19.48 -10.37
C THR A 272 -3.03 19.44 -11.78
N SER A 273 -2.76 20.60 -12.37
CA SER A 273 -2.33 20.64 -13.76
C SER A 273 -1.02 21.40 -14.01
N THR A 274 -0.53 22.18 -13.05
CA THR A 274 0.73 22.90 -13.18
C THR A 274 1.85 22.23 -12.40
N GLU A 275 2.97 21.99 -13.07
CA GLU A 275 4.09 21.29 -12.45
C GLU A 275 5.04 22.27 -11.81
N VAL A 276 5.46 21.95 -10.59
CA VAL A 276 6.54 22.68 -9.95
C VAL A 276 7.74 21.72 -9.89
N ILE A 277 8.84 22.17 -9.27
CA ILE A 277 10.08 21.40 -9.23
C ILE A 277 10.43 21.12 -7.78
N TYR A 278 10.83 19.88 -7.50
CA TYR A 278 11.42 19.54 -6.22
C TYR A 278 12.84 19.06 -6.49
N ARG A 279 13.82 19.60 -5.75
CA ARG A 279 15.23 19.38 -6.05
C ARG A 279 16.05 19.28 -4.78
N ALA A 280 16.94 18.29 -4.74
CA ALA A 280 17.82 18.10 -3.60
C ALA A 280 19.18 17.68 -4.13
N GLU A 281 20.18 18.55 -4.01
CA GLU A 281 21.56 18.22 -4.31
C GLU A 281 22.22 17.65 -3.05
N TYR A 282 22.94 16.54 -3.21
CA TYR A 282 23.56 15.83 -2.09
C TYR A 282 24.94 15.40 -2.59
N GLY A 283 25.88 16.34 -2.60
CA GLY A 283 27.21 16.05 -3.11
C GLY A 283 27.92 14.95 -2.35
N ASP A 284 27.69 14.84 -1.04
CA ASP A 284 28.32 13.77 -0.28
C ASP A 284 28.08 12.42 -0.95
N ALA A 285 26.85 12.18 -1.41
CA ALA A 285 26.42 10.90 -1.98
C ALA A 285 26.45 10.89 -3.50
N GLU A 286 26.88 11.98 -4.12
CA GLU A 286 26.93 12.07 -5.58
C GLU A 286 25.55 11.81 -6.21
N LYS A 287 24.52 12.43 -5.64
CA LYS A 287 23.16 12.29 -6.11
C LYS A 287 22.52 13.68 -6.19
N ILE A 288 21.98 14.02 -7.36
CA ILE A 288 21.06 15.14 -7.48
C ILE A 288 19.69 14.59 -7.79
N TYR A 289 18.74 14.82 -6.90
CA TYR A 289 17.36 14.38 -7.08
C TYR A 289 16.58 15.57 -7.58
N HIS A 290 15.96 15.44 -8.76
CA HIS A 290 15.28 16.53 -9.43
C HIS A 290 14.00 15.98 -10.06
N HIS A 291 12.85 16.42 -9.56
CA HIS A 291 11.56 15.95 -10.03
C HIS A 291 10.64 17.14 -10.30
N GLN A 292 10.09 17.18 -11.51
CA GLN A 292 9.12 18.18 -11.91
C GLN A 292 7.76 17.50 -11.91
N THR A 293 6.79 18.07 -11.18
CA THR A 293 5.55 17.34 -10.88
C THR A 293 4.51 18.27 -10.26
N PRO A 294 3.22 17.97 -10.39
CA PRO A 294 2.21 18.79 -9.73
C PRO A 294 2.10 18.47 -8.26
N VAL A 295 1.62 19.46 -7.48
CA VAL A 295 1.40 19.27 -6.05
C VAL A 295 0.32 18.24 -5.81
N ILE A 296 -0.72 18.22 -6.63
CA ILE A 296 -1.86 17.34 -6.47
C ILE A 296 -1.97 16.52 -7.75
N HIS A 297 -1.99 15.19 -7.61
CA HIS A 297 -2.05 14.26 -8.74
C HIS A 297 -3.42 13.63 -8.88
N LEU A 298 -3.99 13.68 -10.08
CA LEU A 298 -5.26 13.01 -10.33
C LEU A 298 -5.02 11.82 -11.25
N ASN A 299 -5.87 10.81 -11.09
CA ASN A 299 -5.93 9.69 -12.01
C ASN A 299 -6.93 10.02 -13.14
N ASN A 300 -7.15 9.04 -14.04
CA ASN A 300 -7.99 9.27 -15.21
C ASN A 300 -9.44 9.54 -14.86
N ASP A 301 -9.87 9.21 -13.65
CA ASP A 301 -11.20 9.56 -13.22
C ASP A 301 -11.20 10.75 -12.29
N GLY A 302 -10.09 11.47 -12.20
CA GLY A 302 -10.07 12.65 -11.37
C GLY A 302 -10.09 12.36 -9.89
N GLU A 303 -9.68 11.17 -9.49
CA GLU A 303 -9.45 10.91 -8.07
C GLU A 303 -8.05 11.37 -7.69
N VAL A 304 -7.96 12.07 -6.55
CA VAL A 304 -6.66 12.38 -5.98
C VAL A 304 -5.97 11.08 -5.65
N VAL A 305 -4.78 10.86 -6.21
CA VAL A 305 -4.03 9.64 -5.94
C VAL A 305 -2.64 9.92 -5.41
N ARG A 306 -2.23 11.18 -5.26
CA ARG A 306 -0.96 11.48 -4.62
C ARG A 306 -0.87 12.97 -4.37
N LEU A 307 -0.20 13.34 -3.28
CA LEU A 307 0.12 14.72 -2.96
C LEU A 307 1.61 14.83 -2.72
N VAL A 308 2.25 15.84 -3.31
CA VAL A 308 3.71 15.99 -3.30
C VAL A 308 4.06 17.42 -2.92
N ASN A 309 4.53 17.63 -1.69
CA ASN A 309 4.96 18.97 -1.29
C ASN A 309 5.85 18.94 -0.04
N ASN A 310 7.11 19.34 -0.21
CA ASN A 310 7.96 19.77 0.90
C ASN A 310 8.52 21.13 0.53
N PRO A 311 8.06 22.22 1.16
CA PRO A 311 8.44 23.57 0.69
C PRO A 311 9.92 23.80 0.64
N THR A 312 10.70 23.09 1.44
CA THR A 312 12.09 23.45 1.58
C THR A 312 12.90 23.13 0.35
N LYS A 313 12.41 22.23 -0.51
CA LYS A 313 13.07 21.88 -1.77
C LYS A 313 12.24 22.31 -2.96
N MET A 314 11.23 23.13 -2.73
CA MET A 314 10.26 23.49 -3.75
C MET A 314 10.73 24.71 -4.54
N PHE A 315 10.70 24.61 -5.87
CA PHE A 315 11.09 25.70 -6.76
C PHE A 315 10.04 25.89 -7.85
N PHE A 316 9.65 27.14 -8.08
CA PHE A 316 8.71 27.47 -9.15
C PHE A 316 9.40 27.95 -10.41
N ASP A 317 10.73 27.77 -10.52
CA ASP A 317 11.51 28.42 -11.57
C ASP A 317 10.99 28.13 -12.98
N ASN A 318 10.35 26.99 -13.22
CA ASN A 318 10.02 26.63 -14.59
C ASN A 318 8.54 26.77 -14.91
N VAL A 319 7.79 27.47 -14.08
CA VAL A 319 6.38 27.75 -14.39
C VAL A 319 6.33 28.89 -15.38
N PRO A 320 5.53 28.80 -16.46
CA PRO A 320 5.50 29.89 -17.44
C PRO A 320 5.13 31.22 -16.81
N PHE A 321 5.72 32.28 -17.36
CA PHE A 321 5.58 33.61 -16.78
C PHE A 321 4.14 33.95 -16.49
N ASP A 322 3.24 33.59 -17.41
CA ASP A 322 1.86 34.05 -17.22
C ASP A 322 1.09 33.25 -16.17
N GLU A 323 1.59 32.07 -15.78
CA GLU A 323 0.90 31.25 -14.79
C GLU A 323 1.53 31.34 -13.40
N VAL A 324 2.64 32.05 -13.26
CA VAL A 324 3.33 32.11 -11.98
C VAL A 324 2.41 32.62 -10.88
N THR A 325 1.78 33.78 -11.12
CA THR A 325 0.91 34.37 -10.12
C THR A 325 -0.23 33.43 -9.72
N GLY A 326 -0.77 32.70 -10.70
CA GLY A 326 -1.83 31.76 -10.41
C GLY A 326 -1.39 30.63 -9.48
N VAL A 327 -0.19 30.09 -9.68
CA VAL A 327 0.14 28.96 -8.82
C VAL A 327 0.54 29.43 -7.42
N TYR A 328 1.19 30.59 -7.29
CA TYR A 328 1.46 31.08 -5.94
C TYR A 328 0.16 31.28 -5.17
N ARG A 329 -0.89 31.75 -5.86
CA ARG A 329 -2.19 31.90 -5.22
C ARG A 329 -2.77 30.54 -4.88
N ALA A 330 -2.88 29.66 -5.88
CA ALA A 330 -3.40 28.31 -5.64
C ALA A 330 -2.66 27.60 -4.51
N TYR A 331 -1.32 27.57 -4.58
CA TYR A 331 -0.53 26.90 -3.55
C TYR A 331 -0.81 27.48 -2.17
N SER A 332 -0.84 28.82 -2.08
CA SER A 332 -1.04 29.46 -0.79
C SER A 332 -2.43 29.17 -0.21
N ALA A 333 -3.44 29.09 -1.08
CA ALA A 333 -4.76 28.67 -0.65
C ALA A 333 -4.72 27.27 -0.06
N PHE A 334 -4.10 26.33 -0.79
CA PHE A 334 -4.05 24.93 -0.36
C PHE A 334 -3.39 24.81 1.00
N LYS A 335 -2.21 25.40 1.15
CA LYS A 335 -1.53 25.31 2.43
C LYS A 335 -2.38 25.91 3.55
N ALA A 336 -3.03 27.05 3.30
CA ALA A 336 -3.80 27.66 4.36
C ALA A 336 -4.96 26.76 4.78
N LEU A 337 -5.69 26.24 3.80
CA LEU A 337 -6.80 25.35 4.12
C LEU A 337 -6.36 24.25 5.10
N MET A 338 -5.18 23.66 4.85
CA MET A 338 -4.72 22.58 5.71
C MET A 338 -4.35 23.08 7.10
N ASP A 339 -3.94 24.35 7.23
CA ASP A 339 -3.62 24.89 8.55
C ASP A 339 -4.87 25.21 9.39
N GLU A 340 -6.05 24.94 8.87
CA GLU A 340 -7.26 25.27 9.61
C GLU A 340 -7.39 24.41 10.87
N GLU A 341 -7.75 25.06 11.99
CA GLU A 341 -8.09 24.30 13.19
C GLU A 341 -9.22 23.35 12.87
N GLY A 342 -9.07 22.11 13.35
CA GLY A 342 -10.07 21.09 13.11
C GLY A 342 -9.56 19.90 12.35
N ARG A 343 -8.81 20.12 11.27
CA ARG A 343 -8.49 18.99 10.41
C ARG A 343 -7.19 18.28 10.78
N ALA A 344 -6.31 18.91 11.55
CA ALA A 344 -5.13 18.20 12.00
C ALA A 344 -5.49 17.15 13.06
N TYR A 345 -4.63 16.15 13.16
CA TYR A 345 -4.55 15.29 14.33
C TYR A 345 -3.23 15.62 15.02
N HIS A 346 -3.28 16.00 16.28
CA HIS A 346 -2.06 16.31 17.02
C HIS A 346 -1.68 15.11 17.87
N HIS A 347 -0.39 14.77 17.87
CA HIS A 347 0.07 13.61 18.59
C HIS A 347 0.94 14.04 19.76
N SER A 348 0.65 13.47 20.93
CA SER A 348 1.44 13.66 22.12
C SER A 348 2.41 12.50 22.22
N TRP A 349 3.67 12.77 21.93
CA TRP A 349 4.67 11.72 21.79
C TRP A 349 4.91 11.03 23.12
N ARG A 350 4.54 9.76 23.22
CA ARG A 350 4.96 8.89 24.30
C ARG A 350 6.04 7.94 23.79
N GLN A 351 6.96 7.57 24.68
CA GLN A 351 8.05 6.68 24.30
C GLN A 351 7.52 5.39 23.68
N GLY A 352 8.29 4.83 22.74
CA GLY A 352 7.94 3.58 22.10
C GLY A 352 6.72 3.68 21.23
N ASP A 353 6.18 4.87 21.06
CA ASP A 353 5.12 5.09 20.09
C ASP A 353 5.66 4.96 18.68
N MET A 354 4.84 4.38 17.81
CA MET A 354 5.09 4.48 16.39
C MET A 354 3.85 4.97 15.66
N ILE A 355 4.02 6.01 14.87
CA ILE A 355 3.01 6.40 13.90
C ILE A 355 3.52 6.00 12.52
N ILE A 356 2.72 5.22 11.80
CA ILE A 356 2.98 4.92 10.40
C ILE A 356 1.93 5.65 9.59
N PHE A 357 2.38 6.42 8.58
CA PHE A 357 1.45 7.21 7.81
C PHE A 357 1.79 7.18 6.32
N ASP A 358 0.75 7.35 5.50
CA ASP A 358 0.84 7.25 4.04
C ASP A 358 1.49 8.52 3.48
N ASN A 359 2.79 8.45 3.22
CA ASN A 359 3.56 9.56 2.67
C ASN A 359 3.03 10.07 1.33
N ARG A 360 2.09 9.36 0.71
CA ARG A 360 1.52 9.88 -0.53
C ARG A 360 0.37 10.84 -0.29
N ARG A 361 -0.03 11.11 0.96
CA ARG A 361 -1.28 11.85 1.15
C ARG A 361 -1.37 12.53 2.50
N ILE A 362 -0.57 12.10 3.50
CA ILE A 362 -0.66 12.73 4.81
C ILE A 362 0.43 13.79 4.94
N PHE A 363 0.01 15.05 5.05
CA PHE A 363 0.95 16.09 5.43
C PHE A 363 1.18 15.99 6.93
N HIS A 364 2.42 16.25 7.35
CA HIS A 364 2.75 16.19 8.75
C HIS A 364 3.67 17.37 9.05
N GLY A 365 3.84 17.66 10.32
CA GLY A 365 4.63 18.82 10.67
C GLY A 365 4.82 18.96 12.16
N ARG A 366 5.95 19.54 12.56
CA ARG A 366 6.20 19.84 13.95
C ARG A 366 5.75 21.26 14.23
N ARG A 375 13.47 17.58 25.37
CA ARG A 375 14.46 17.05 24.45
C ARG A 375 14.08 15.67 23.93
N ARG A 376 13.02 15.59 23.10
CA ARG A 376 12.60 14.32 22.54
C ARG A 376 13.40 14.00 21.27
N LYS A 377 13.66 12.71 21.08
CA LYS A 377 14.43 12.22 19.93
C LYS A 377 13.61 11.18 19.19
N LEU A 378 13.26 11.47 17.94
CA LEU A 378 12.49 10.55 17.13
C LEU A 378 13.40 9.80 16.16
N ARG A 379 12.98 8.60 15.80
CA ARG A 379 13.65 7.81 14.78
C ARG A 379 12.68 7.56 13.63
N GLY A 380 13.10 7.91 12.42
CA GLY A 380 12.22 7.80 11.28
C GLY A 380 12.75 6.94 10.14
N GLY A 381 11.84 6.43 9.31
CA GLY A 381 12.18 5.69 8.13
C GLY A 381 10.95 5.47 7.27
N TYR A 382 11.08 4.58 6.28
CA TYR A 382 10.03 4.43 5.29
C TYR A 382 9.70 2.95 5.05
N PHE A 383 8.45 2.68 4.70
CA PHE A 383 7.96 1.36 4.38
C PHE A 383 7.40 1.37 2.98
N SER A 384 7.57 0.25 2.29
CA SER A 384 7.02 0.08 0.97
C SER A 384 5.65 -0.59 1.03
N GLU A 385 4.71 -0.07 0.23
CA GLU A 385 3.38 -0.66 0.19
C GLU A 385 3.46 -2.13 -0.18
N VAL A 386 4.34 -2.48 -1.11
CA VAL A 386 4.50 -3.88 -1.53
C VAL A 386 4.67 -4.77 -0.32
N GLU A 387 5.51 -4.35 0.62
CA GLU A 387 5.92 -5.23 1.71
C GLU A 387 4.84 -5.30 2.79
N LEU A 388 4.30 -4.15 3.21
CA LEU A 388 3.18 -4.14 4.16
C LEU A 388 2.03 -5.01 3.70
N ARG A 389 1.62 -4.86 2.43
CA ARG A 389 0.49 -5.64 1.96
C ARG A 389 0.80 -7.12 1.96
N ALA A 390 2.04 -7.48 1.67
CA ALA A 390 2.40 -8.90 1.62
C ALA A 390 2.42 -9.47 3.01
N ARG A 391 2.91 -8.70 3.99
CA ARG A 391 2.83 -9.15 5.36
C ARG A 391 1.36 -9.27 5.78
N SER A 392 0.54 -8.25 5.50
CA SER A 392 -0.87 -8.34 5.85
C SER A 392 -1.54 -9.52 5.16
N ARG A 393 -1.21 -9.77 3.90
CA ARG A 393 -1.89 -10.88 3.23
C ARG A 393 -1.46 -12.22 3.83
N PHE A 394 -0.18 -12.36 4.18
CA PHE A 394 0.29 -13.59 4.79
C PHE A 394 -0.39 -13.81 6.13
N ALA A 395 -0.40 -12.80 6.98
CA ALA A 395 -1.01 -12.92 8.30
C ALA A 395 -2.50 -13.18 8.20
N ASP A 396 -3.15 -12.76 7.13
CA ASP A 396 -4.59 -12.90 7.10
C ASP A 396 -5.03 -14.26 6.60
N GLU A 397 -4.24 -14.88 5.74
CA GLU A 397 -4.58 -16.16 5.13
C GLU A 397 -4.11 -17.35 5.95
N THR A 398 -3.23 -17.15 6.93
CA THR A 398 -3.01 -18.14 7.96
C THR A 398 -3.99 -17.98 9.12
FE FE B . 9.08 15.19 7.85
ZN ZN C . 1.15 -32.61 -14.74
C1 GOL D . 1.50 -7.60 -1.32
O1 GOL D . 2.45 -7.13 -2.26
C2 GOL D . 0.27 -8.46 -1.92
O2 GOL D . 0.48 -9.82 -1.78
C3 GOL D . -1.04 -8.06 -1.09
O3 GOL D . -2.16 -8.64 -1.74
C1 GOL E . -10.05 -24.21 -23.89
O1 GOL E . -10.00 -23.53 -25.12
C2 GOL E . -10.45 -25.69 -24.09
O2 GOL E . -11.30 -26.14 -22.99
C3 GOL E . -9.05 -26.51 -24.23
O3 GOL E . -8.82 -26.98 -25.57
C1 GOL F . -6.27 5.52 -4.71
O1 GOL F . -7.22 5.16 -3.71
C2 GOL F . -4.92 4.71 -4.47
O2 GOL F . -5.03 3.77 -3.42
C3 GOL F . -3.79 5.83 -4.26
O3 GOL F . -2.58 5.49 -4.95
C1 GOL G . 24.23 18.48 2.92
O1 GOL G . 22.85 18.73 3.11
C2 GOL G . 24.59 18.97 1.49
O2 GOL G . 23.69 18.48 0.54
C3 GOL G . 26.04 18.51 1.21
O3 GOL G . 26.39 19.05 -0.04
C1 GOL H . -15.31 21.42 3.66
O1 GOL H . -14.90 21.25 2.34
C2 GOL H . -14.41 20.52 4.55
O2 GOL H . -14.85 19.20 4.62
C3 GOL H . -14.40 21.23 5.93
O3 GOL H . -13.94 22.53 5.70
#